data_8TV8
#
_entry.id   8TV8
#
_cell.length_a   119.755
_cell.length_b   119.755
_cell.length_c   129.585
_cell.angle_alpha   90.000
_cell.angle_beta   90.000
_cell.angle_gamma   90.000
#
_symmetry.space_group_name_H-M   'P 41 21 2'
#
loop_
_entity.id
_entity.type
_entity.pdbx_description
1 polymer 'ABC-type transport system, periplasmic component, involved in antimicrobial peptide resistance'
2 water water
#
_entity_poly.entity_id   1
_entity_poly.type   'polypeptide(L)'
_entity_poly.pdbx_seq_one_letter_code
;MLRLNLRFLSFLLCISQSVELQAAPSVPTFLTENGLTYCTHASGFSFNPQTADAGTSMNVVTEQIYNKLFDIKNHSATLT
PMLAQSYSISADGKEILLNLRHGVKFHQTPWFTPTRDFNAEDVVFSINRVLGHNTYLPTLAEANVTYSNPQYRVFHEQAR
KVRFPYFDSIKLNEKIKSVTALSPYQVKIELFAPDSSILSHLASQYAIIFSQEYAYQLSADDNLAQLDTHPVGTGPYQVK
DYVYNQYVRLVRNENYWKKEAKIEHIIVDLSTDRSGRLVKFFNNECQIASYPEVSQIGLLKNDDKHYYMQSTDGMNLAYL
AFNFDKPLMRDHEIRAAISQSLNRARIIHSIYHNTATVANNIIPEVSWASTVNTPEFEFDYHPKIAKNKLADKNLLLNLW
VINEEQVYNPAPFKMAEMIKWDLAQAGVKVKVRAVTRPFLTAQLRNQSENYDLILSGWLAGNLDPDGFMRPILSCGTKNE
LTNLSNWCNEEFDQFMDRAITTSHLSSRAKAYNEAQELVLRELPIIPIANVKRILVANSRVKGVKMTPFGSLDFSTLYFI
QEKH
;
_entity_poly.pdbx_strand_id   A
#
# COMPACT_ATOMS: atom_id res chain seq x y z
N ASN A 34 -23.72 21.32 8.04
CA ASN A 34 -23.71 19.84 8.05
C ASN A 34 -22.30 19.35 8.41
N GLY A 35 -22.30 18.28 9.25
CA GLY A 35 -21.10 17.64 9.79
C GLY A 35 -21.16 16.12 9.67
N LEU A 36 -20.01 15.48 9.39
CA LEU A 36 -19.97 14.03 9.38
C LEU A 36 -18.77 13.61 10.23
N THR A 37 -18.94 12.52 11.00
CA THR A 37 -17.86 11.88 11.74
C THR A 37 -17.55 10.54 11.09
N TYR A 38 -16.26 10.34 10.79
CA TYR A 38 -15.73 9.13 10.19
C TYR A 38 -14.87 8.42 11.23
N CYS A 39 -15.21 7.16 11.59
CA CYS A 39 -14.36 6.36 12.46
C CYS A 39 -13.40 5.56 11.57
N THR A 40 -12.11 5.84 11.67
CA THR A 40 -11.19 5.33 10.68
C THR A 40 -10.26 4.30 11.31
N HIS A 41 -9.80 3.40 10.42
CA HIS A 41 -8.78 2.37 10.68
C HIS A 41 -7.36 2.95 10.78
N ALA A 42 -7.09 4.15 10.22
CA ALA A 42 -5.75 4.72 10.11
C ALA A 42 -5.14 5.00 11.49
N SER A 43 -5.98 5.47 12.42
CA SER A 43 -5.69 5.43 13.85
C SER A 43 -4.18 5.47 14.12
N MET A 58 -1.62 3.83 5.86
CA MET A 58 -2.50 4.74 5.07
C MET A 58 -2.91 5.90 5.98
N ASN A 59 -2.58 7.14 5.54
CA ASN A 59 -3.14 8.35 6.11
C ASN A 59 -4.34 8.76 5.24
N VAL A 60 -5.54 8.58 5.81
CA VAL A 60 -6.78 8.93 5.15
C VAL A 60 -6.94 10.45 5.22
N VAL A 61 -6.27 11.09 6.20
CA VAL A 61 -6.32 12.52 6.36
C VAL A 61 -5.52 13.23 5.26
N THR A 62 -4.33 12.72 4.89
CA THR A 62 -3.40 13.51 4.09
C THR A 62 -3.92 13.59 2.66
N GLU A 63 -4.69 12.60 2.25
CA GLU A 63 -5.32 12.58 0.93
C GLU A 63 -6.44 13.62 0.78
N GLN A 64 -6.96 14.18 1.89
CA GLN A 64 -8.08 15.08 1.86
C GLN A 64 -7.57 16.53 1.90
N ILE A 65 -6.36 16.76 2.46
CA ILE A 65 -5.82 18.08 2.62
C ILE A 65 -4.70 18.42 1.63
N TYR A 66 -4.08 17.41 0.99
CA TYR A 66 -3.03 17.62 0.02
C TYR A 66 -3.51 17.10 -1.32
N ASN A 67 -3.05 17.68 -2.43
CA ASN A 67 -3.23 17.07 -3.72
C ASN A 67 -1.89 16.47 -4.12
N LYS A 68 -1.91 15.68 -5.20
CA LYS A 68 -0.71 15.17 -5.86
C LYS A 68 -0.67 15.70 -7.29
N LEU A 69 0.41 15.38 -8.02
CA LEU A 69 0.50 15.73 -9.43
C LEU A 69 -0.55 15.00 -10.27
N PHE A 70 -0.90 13.76 -9.88
CA PHE A 70 -1.83 12.91 -10.61
C PHE A 70 -2.60 12.07 -9.59
N ASP A 71 -3.80 11.58 -9.98
CA ASP A 71 -4.56 10.63 -9.21
C ASP A 71 -4.71 9.31 -10.00
N ILE A 72 -4.92 8.22 -9.26
CA ILE A 72 -5.16 6.91 -9.82
C ILE A 72 -6.62 6.84 -10.25
N LYS A 73 -6.87 6.36 -11.47
CA LYS A 73 -8.22 5.97 -11.87
C LYS A 73 -8.30 4.44 -11.90
N ASN A 74 -9.39 3.90 -11.33
CA ASN A 74 -9.48 2.48 -10.97
C ASN A 74 -9.41 1.62 -12.24
N HIS A 75 -8.61 0.54 -12.19
CA HIS A 75 -8.46 -0.41 -13.29
C HIS A 75 -7.83 0.22 -14.52
N SER A 76 -7.19 1.38 -14.39
CA SER A 76 -6.65 2.02 -15.57
C SER A 76 -5.17 2.33 -15.34
N ALA A 77 -4.38 2.18 -16.40
CA ALA A 77 -3.02 2.69 -16.48
C ALA A 77 -3.01 4.19 -16.79
N THR A 78 -4.16 4.79 -17.14
CA THR A 78 -4.19 6.22 -17.42
C THR A 78 -4.41 7.01 -16.14
N LEU A 79 -3.54 8.00 -15.93
CA LEU A 79 -3.50 8.79 -14.73
C LEU A 79 -4.39 10.00 -14.94
N THR A 80 -5.11 10.41 -13.88
CA THR A 80 -5.91 11.62 -13.90
C THR A 80 -5.01 12.81 -13.58
N PRO A 81 -4.88 13.79 -14.51
CA PRO A 81 -4.13 15.03 -14.26
C PRO A 81 -4.70 15.78 -13.08
N MET A 82 -3.87 16.15 -12.10
CA MET A 82 -4.39 16.89 -10.98
C MET A 82 -3.56 18.18 -10.90
N LEU A 83 -2.49 18.23 -10.07
CA LEU A 83 -1.72 19.46 -10.03
C LEU A 83 -0.85 19.59 -11.30
N ALA A 84 -0.51 18.46 -11.91
CA ALA A 84 0.03 18.41 -13.26
C ALA A 84 -1.14 18.23 -14.21
N GLN A 85 -1.32 19.24 -15.07
CA GLN A 85 -2.41 19.25 -16.02
C GLN A 85 -2.06 18.42 -17.28
N SER A 86 -0.76 18.27 -17.62
CA SER A 86 -0.32 17.37 -18.70
C SER A 86 1.18 17.11 -18.56
N TYR A 87 1.67 16.10 -19.27
CA TYR A 87 3.09 15.77 -19.30
C TYR A 87 3.51 15.28 -20.70
N SER A 88 4.82 15.15 -20.90
CA SER A 88 5.35 14.40 -22.02
C SER A 88 6.69 13.80 -21.61
N ILE A 89 7.03 12.71 -22.30
CA ILE A 89 8.21 11.91 -22.01
C ILE A 89 9.16 12.11 -23.18
N SER A 90 10.45 12.31 -22.92
CA SER A 90 11.43 12.45 -23.99
C SER A 90 11.62 11.12 -24.73
N ALA A 91 12.24 11.23 -25.91
CA ALA A 91 12.48 10.12 -26.82
C ALA A 91 13.32 9.03 -26.17
N ASP A 92 14.35 9.40 -25.40
CA ASP A 92 15.20 8.46 -24.68
C ASP A 92 14.55 7.92 -23.38
N GLY A 93 13.31 8.32 -23.05
CA GLY A 93 12.56 7.85 -21.89
C GLY A 93 13.09 8.33 -20.53
N LYS A 94 14.05 9.26 -20.55
CA LYS A 94 14.81 9.65 -19.37
C LYS A 94 14.44 11.05 -18.88
N GLU A 95 13.53 11.71 -19.59
CA GLU A 95 13.15 13.06 -19.22
C GLU A 95 11.63 13.19 -19.36
N ILE A 96 11.02 13.69 -18.29
CA ILE A 96 9.59 13.92 -18.19
C ILE A 96 9.36 15.42 -17.99
N LEU A 97 8.49 16.02 -18.83
CA LEU A 97 8.05 17.39 -18.63
C LEU A 97 6.62 17.40 -18.06
N LEU A 98 6.47 18.11 -16.93
CA LEU A 98 5.20 18.29 -16.23
C LEU A 98 4.76 19.74 -16.40
N ASN A 99 3.59 19.93 -17.05
CA ASN A 99 2.96 21.22 -17.16
C ASN A 99 2.00 21.38 -15.97
N LEU A 100 2.23 22.42 -15.14
CA LEU A 100 1.51 22.61 -13.89
C LEU A 100 0.26 23.45 -14.11
N ARG A 101 -0.78 23.12 -13.31
CA ARG A 101 -2.04 23.85 -13.26
C ARG A 101 -1.85 25.26 -12.64
N HIS A 102 -2.52 26.26 -13.25
CA HIS A 102 -2.47 27.66 -12.87
C HIS A 102 -3.64 27.96 -11.94
N GLY A 103 -3.57 29.04 -11.16
CA GLY A 103 -4.69 29.43 -10.31
C GLY A 103 -4.90 28.54 -9.08
N VAL A 104 -3.95 27.67 -8.69
CA VAL A 104 -4.19 26.77 -7.57
C VAL A 104 -3.68 27.43 -6.28
N LYS A 105 -4.55 27.53 -5.24
CA LYS A 105 -4.18 28.16 -3.96
C LYS A 105 -3.88 27.15 -2.84
N PHE A 106 -2.86 27.46 -2.04
CA PHE A 106 -2.67 26.80 -0.76
C PHE A 106 -3.66 27.37 0.26
N HIS A 107 -3.98 26.56 1.26
CA HIS A 107 -4.85 26.94 2.37
C HIS A 107 -4.39 28.21 3.08
N GLN A 108 -5.40 29.05 3.38
CA GLN A 108 -5.30 30.19 4.26
C GLN A 108 -5.73 29.72 5.65
N THR A 109 -4.78 29.61 6.57
CA THR A 109 -5.03 29.03 7.88
C THR A 109 -4.63 30.03 8.95
N PRO A 110 -5.03 29.83 10.24
CA PRO A 110 -4.45 30.61 11.35
C PRO A 110 -2.92 30.69 11.36
N TRP A 111 -2.21 29.67 10.86
CA TRP A 111 -0.76 29.66 10.93
C TRP A 111 -0.06 30.05 9.61
N PHE A 112 -0.80 30.41 8.55
CA PHE A 112 -0.14 30.68 7.27
C PHE A 112 -1.08 31.45 6.32
N THR A 113 -0.55 32.57 5.80
CA THR A 113 -1.19 33.29 4.70
C THR A 113 -0.26 33.24 3.47
N PRO A 114 -0.68 32.54 2.39
CA PRO A 114 0.13 32.48 1.18
C PRO A 114 0.06 33.81 0.41
N THR A 115 1.19 34.16 -0.26
CA THR A 115 1.31 35.35 -1.09
C THR A 115 1.42 34.99 -2.59
N ARG A 116 1.54 33.69 -2.93
CA ARG A 116 1.57 33.22 -4.30
C ARG A 116 0.81 31.89 -4.45
N ASP A 117 0.39 31.66 -5.70
CA ASP A 117 -0.24 30.43 -6.13
C ASP A 117 0.75 29.27 -6.10
N PHE A 118 0.24 28.03 -5.95
CA PHE A 118 1.05 26.84 -6.24
C PHE A 118 1.88 27.05 -7.51
N ASN A 119 3.14 26.56 -7.51
CA ASN A 119 3.98 26.63 -8.69
C ASN A 119 5.09 25.58 -8.60
N ALA A 120 6.06 25.68 -9.51
CA ALA A 120 7.05 24.65 -9.70
C ALA A 120 7.99 24.56 -8.50
N GLU A 121 8.16 25.64 -7.75
CA GLU A 121 8.99 25.52 -6.55
C GLU A 121 8.37 24.57 -5.51
N ASP A 122 7.02 24.49 -5.42
CA ASP A 122 6.36 23.58 -4.49
C ASP A 122 6.65 22.14 -4.92
N VAL A 123 6.70 21.91 -6.24
CA VAL A 123 6.92 20.56 -6.74
C VAL A 123 8.37 20.15 -6.53
N VAL A 124 9.29 21.08 -6.78
CA VAL A 124 10.72 20.82 -6.62
C VAL A 124 11.00 20.51 -5.14
N PHE A 125 10.52 21.36 -4.23
CA PHE A 125 10.64 21.12 -2.79
C PHE A 125 10.05 19.76 -2.39
N SER A 126 8.83 19.42 -2.84
CA SER A 126 8.14 18.22 -2.38
C SER A 126 8.83 16.95 -2.88
N ILE A 127 9.20 16.93 -4.15
CA ILE A 127 9.84 15.74 -4.68
C ILE A 127 11.25 15.54 -4.14
N ASN A 128 12.01 16.62 -3.94
CA ASN A 128 13.27 16.54 -3.22
C ASN A 128 13.06 16.01 -1.79
N ARG A 129 12.02 16.44 -1.05
CA ARG A 129 11.81 15.86 0.28
C ARG A 129 11.67 14.32 0.20
N VAL A 130 10.86 13.81 -0.74
CA VAL A 130 10.54 12.39 -0.77
C VAL A 130 11.67 11.57 -1.41
N LEU A 131 12.67 12.23 -2.02
CA LEU A 131 13.88 11.58 -2.51
C LEU A 131 14.95 11.59 -1.42
N GLY A 132 14.59 12.08 -0.22
CA GLY A 132 15.43 12.02 0.96
C GLY A 132 16.22 13.31 1.21
N HIS A 133 16.18 14.27 0.28
CA HIS A 133 17.15 15.38 0.18
C HIS A 133 16.91 16.52 1.17
N ASN A 134 15.76 16.55 1.88
CA ASN A 134 15.56 17.49 2.98
C ASN A 134 16.11 16.85 4.26
N THR A 135 17.11 17.53 4.85
CA THR A 135 17.98 16.95 5.86
C THR A 135 17.39 17.12 7.28
N TYR A 136 16.47 18.09 7.45
CA TYR A 136 15.76 18.33 8.70
C TYR A 136 14.47 17.47 8.79
N LEU A 137 13.87 17.15 7.63
CA LEU A 137 12.55 16.54 7.61
C LEU A 137 12.61 15.07 7.22
N PRO A 138 11.83 14.21 7.93
CA PRO A 138 11.59 12.84 7.48
C PRO A 138 11.14 12.85 6.01
N THR A 139 11.44 11.75 5.31
CA THR A 139 11.11 11.61 3.90
C THR A 139 9.58 11.64 3.71
N LEU A 140 8.83 11.04 4.69
CA LEU A 140 7.37 11.06 4.80
C LEU A 140 6.90 12.09 5.85
N ALA A 141 5.85 12.87 5.49
CA ALA A 141 5.07 13.61 6.48
C ALA A 141 4.69 12.69 7.64
N GLU A 142 5.04 13.07 8.88
CA GLU A 142 4.74 12.27 10.06
C GLU A 142 3.95 13.10 11.07
N ALA A 143 4.66 14.06 11.73
CA ALA A 143 4.18 14.92 12.81
C ALA A 143 4.90 14.56 14.13
N ASN A 144 5.66 15.54 14.67
CA ASN A 144 6.30 15.50 16.00
C ASN A 144 7.66 14.80 15.98
N VAL A 145 8.15 14.43 14.77
CA VAL A 145 9.45 13.79 14.56
C VAL A 145 10.27 14.65 13.59
N THR A 146 11.45 15.11 14.06
CA THR A 146 12.27 16.02 13.29
C THR A 146 13.73 15.63 13.56
N TYR A 147 14.63 15.95 12.61
CA TYR A 147 16.01 15.52 12.66
C TYR A 147 16.96 16.71 12.86
N SER A 148 17.20 17.11 14.12
CA SER A 148 18.37 17.89 14.49
C SER A 148 19.06 17.19 15.67
N ASN A 149 19.25 15.88 15.50
CA ASN A 149 19.51 14.95 16.59
C ASN A 149 20.64 14.00 16.20
N PRO A 150 21.68 13.78 17.05
CA PRO A 150 22.77 12.85 16.75
C PRO A 150 22.37 11.39 16.47
N GLN A 151 21.73 10.71 17.44
CA GLN A 151 21.38 9.30 17.27
C GLN A 151 19.93 9.18 16.78
N TYR A 152 19.67 9.77 15.60
CA TYR A 152 18.38 9.71 14.92
C TYR A 152 18.59 10.00 13.42
N ARG A 153 17.56 9.70 12.63
CA ARG A 153 17.55 9.62 11.16
C ARG A 153 18.19 8.31 10.70
N VAL A 154 19.42 8.00 11.18
CA VAL A 154 20.02 6.70 10.96
C VAL A 154 19.13 5.63 11.63
N PHE A 155 18.76 5.87 12.90
CA PHE A 155 17.85 4.99 13.63
C PHE A 155 16.42 5.07 13.08
N HIS A 156 15.88 6.29 12.83
CA HIS A 156 14.49 6.46 12.42
C HIS A 156 14.21 5.79 11.07
N GLU A 157 15.14 5.94 10.09
CA GLU A 157 14.96 5.40 8.75
C GLU A 157 15.20 3.88 8.69
N GLN A 158 16.11 3.37 9.57
CA GLN A 158 16.40 1.94 9.66
C GLN A 158 15.21 1.16 10.19
N ALA A 159 14.55 1.67 11.26
CA ALA A 159 13.32 1.11 11.83
C ALA A 159 12.11 1.25 10.89
N ARG A 160 11.96 2.37 10.16
CA ARG A 160 10.96 2.48 9.10
C ARG A 160 11.14 1.34 8.08
N LYS A 161 12.40 1.10 7.68
CA LYS A 161 12.77 0.13 6.66
C LYS A 161 12.53 -1.31 7.11
N VAL A 162 12.78 -1.59 8.40
CA VAL A 162 12.53 -2.89 8.98
C VAL A 162 11.02 -3.02 9.24
N ARG A 163 10.39 -1.96 9.76
CA ARG A 163 8.99 -2.02 10.20
C ARG A 163 8.04 -1.70 9.05
N PHE A 164 8.33 -0.61 8.31
CA PHE A 164 7.52 -0.14 7.18
C PHE A 164 8.34 -0.28 5.89
N PRO A 165 8.42 -1.50 5.31
CA PRO A 165 9.24 -1.73 4.10
C PRO A 165 8.60 -1.35 2.77
N TYR A 166 7.32 -0.88 2.81
CA TYR A 166 6.56 -0.55 1.61
C TYR A 166 7.22 0.65 0.95
N PHE A 167 7.45 1.73 1.70
CA PHE A 167 7.98 2.95 1.13
C PHE A 167 9.42 2.73 0.64
N ASP A 168 10.24 2.03 1.45
CA ASP A 168 11.65 1.84 1.14
C ASP A 168 11.84 0.97 -0.08
N SER A 169 10.88 0.07 -0.34
CA SER A 169 10.91 -0.77 -1.53
C SER A 169 10.81 0.05 -2.82
N ILE A 170 10.35 1.31 -2.77
CA ILE A 170 10.18 2.18 -3.93
C ILE A 170 11.55 2.62 -4.52
N LYS A 171 12.52 2.97 -3.67
CA LYS A 171 13.87 3.36 -4.10
C LYS A 171 13.82 4.50 -5.13
N LEU A 172 13.07 5.54 -4.76
CA LEU A 172 12.77 6.61 -5.68
C LEU A 172 14.05 7.41 -5.97
N ASN A 173 14.96 7.50 -5.00
CA ASN A 173 16.24 8.18 -5.17
C ASN A 173 17.26 7.38 -5.99
N GLU A 174 16.96 6.11 -6.32
CA GLU A 174 17.74 5.33 -7.28
C GLU A 174 17.10 5.39 -8.66
N LYS A 175 15.97 6.09 -8.82
CA LYS A 175 15.31 6.10 -10.12
C LYS A 175 15.30 7.50 -10.72
N ILE A 176 15.04 8.51 -9.87
CA ILE A 176 14.94 9.91 -10.25
C ILE A 176 16.25 10.59 -9.89
N LYS A 177 16.90 11.17 -10.90
CA LYS A 177 18.17 11.83 -10.73
C LYS A 177 17.98 13.26 -10.24
N SER A 178 17.04 14.01 -10.83
CA SER A 178 16.83 15.39 -10.40
C SER A 178 15.44 15.88 -10.80
N VAL A 179 15.00 16.91 -10.09
CA VAL A 179 13.75 17.60 -10.38
C VAL A 179 14.10 19.07 -10.44
N THR A 180 13.74 19.75 -11.54
CA THR A 180 14.08 21.18 -11.67
C THR A 180 12.87 21.93 -12.23
N ALA A 181 12.72 23.19 -11.82
CA ALA A 181 11.82 24.15 -12.47
C ALA A 181 12.45 24.65 -13.77
N LEU A 182 11.77 24.49 -14.90
CA LEU A 182 12.21 25.09 -16.16
C LEU A 182 11.58 26.46 -16.28
N SER A 183 10.36 26.59 -15.73
CA SER A 183 9.63 27.84 -15.62
C SER A 183 8.71 27.74 -14.41
N PRO A 184 7.98 28.81 -13.98
CA PRO A 184 7.08 28.70 -12.82
C PRO A 184 5.97 27.66 -12.99
N TYR A 185 5.58 27.29 -14.22
CA TYR A 185 4.56 26.26 -14.41
C TYR A 185 5.06 25.08 -15.24
N GLN A 186 6.34 24.77 -15.25
CA GLN A 186 6.82 23.54 -15.86
C GLN A 186 8.00 22.96 -15.09
N VAL A 187 7.94 21.65 -14.88
CA VAL A 187 8.96 20.92 -14.13
C VAL A 187 9.52 19.85 -15.03
N LYS A 188 10.82 19.66 -14.88
CA LYS A 188 11.50 18.58 -15.54
C LYS A 188 11.96 17.56 -14.50
N ILE A 189 11.62 16.30 -14.77
CA ILE A 189 12.11 15.19 -13.98
C ILE A 189 13.08 14.38 -14.83
N GLU A 190 14.28 14.22 -14.30
CA GLU A 190 15.34 13.48 -14.95
C GLU A 190 15.56 12.14 -14.23
N LEU A 191 15.51 11.04 -14.99
CA LEU A 191 15.66 9.67 -14.55
C LEU A 191 17.09 9.20 -14.85
N PHE A 192 17.59 8.25 -14.04
CA PHE A 192 18.84 7.55 -14.28
C PHE A 192 18.72 6.63 -15.50
N ALA A 193 17.55 6.04 -15.65
CA ALA A 193 17.27 5.12 -16.74
C ALA A 193 15.77 5.13 -17.00
N PRO A 194 15.34 4.78 -18.24
CA PRO A 194 13.91 4.66 -18.51
C PRO A 194 13.22 3.80 -17.45
N ASP A 195 12.02 4.23 -17.02
CA ASP A 195 11.19 3.51 -16.08
C ASP A 195 9.76 4.03 -16.21
N SER A 196 8.94 3.31 -16.97
CA SER A 196 7.56 3.73 -17.21
C SER A 196 6.63 3.55 -16.00
N SER A 197 7.15 3.10 -14.85
CA SER A 197 6.40 2.93 -13.62
C SER A 197 6.52 4.19 -12.75
N ILE A 198 7.37 5.16 -13.15
CA ILE A 198 7.72 6.29 -12.29
C ILE A 198 6.50 7.17 -12.01
N LEU A 199 5.65 7.44 -13.01
CA LEU A 199 4.49 8.30 -12.81
C LEU A 199 3.50 7.68 -11.82
N SER A 200 3.30 6.34 -11.87
CA SER A 200 2.53 5.58 -10.88
C SER A 200 2.86 6.07 -9.47
N HIS A 201 4.15 6.21 -9.15
CA HIS A 201 4.54 6.69 -7.83
C HIS A 201 4.12 8.14 -7.56
N LEU A 202 4.06 9.00 -8.59
CA LEU A 202 3.73 10.42 -8.44
C LEU A 202 2.21 10.59 -8.30
N ALA A 203 1.47 9.50 -8.51
CA ALA A 203 0.03 9.45 -8.22
C ALA A 203 -0.29 8.73 -6.91
N SER A 204 0.70 8.46 -6.07
CA SER A 204 0.49 7.70 -4.84
C SER A 204 0.61 8.64 -3.63
N GLN A 205 0.23 8.14 -2.44
CA GLN A 205 0.06 8.90 -1.21
C GLN A 205 1.36 9.56 -0.73
N TYR A 206 2.50 9.01 -1.15
CA TYR A 206 3.77 9.55 -0.69
C TYR A 206 4.12 10.83 -1.45
N ALA A 207 3.55 11.03 -2.65
CA ALA A 207 3.98 12.10 -3.55
C ALA A 207 3.10 13.35 -3.39
N ILE A 208 2.69 13.62 -2.15
CA ILE A 208 1.88 14.80 -1.86
C ILE A 208 2.72 16.06 -2.02
N ILE A 209 2.02 17.17 -2.36
CA ILE A 209 2.63 18.45 -2.64
C ILE A 209 2.43 19.43 -1.47
N PHE A 210 3.55 19.80 -0.85
CA PHE A 210 3.67 20.80 0.21
C PHE A 210 3.95 22.19 -0.35
N SER A 211 3.88 23.20 0.53
CA SER A 211 4.15 24.61 0.26
C SER A 211 5.62 24.94 0.56
N GLN A 212 6.39 25.24 -0.51
CA GLN A 212 7.73 25.77 -0.39
C GLN A 212 7.68 27.13 0.30
N GLU A 213 6.67 27.95 0.02
CA GLU A 213 6.65 29.25 0.68
C GLU A 213 6.45 29.09 2.19
N TYR A 214 5.59 28.15 2.63
CA TYR A 214 5.34 27.86 4.04
C TYR A 214 6.63 27.33 4.64
N ALA A 215 7.27 26.38 3.96
CA ALA A 215 8.48 25.79 4.47
C ALA A 215 9.65 26.79 4.59
N TYR A 216 9.66 27.86 3.78
CA TYR A 216 10.66 28.93 3.91
C TYR A 216 10.37 29.83 5.11
N GLN A 217 9.11 30.27 5.26
CA GLN A 217 8.70 31.11 6.37
C GLN A 217 9.09 30.38 7.67
N LEU A 218 8.89 29.06 7.72
CA LEU A 218 9.21 28.25 8.88
C LEU A 218 10.72 28.13 9.12
N SER A 219 11.51 27.84 8.07
CA SER A 219 12.96 27.70 8.22
C SER A 219 13.60 28.96 8.83
N ALA A 220 13.18 30.14 8.33
CA ALA A 220 13.72 31.44 8.70
C ALA A 220 13.43 31.77 10.16
N ASP A 221 12.37 31.15 10.71
CA ASP A 221 11.98 31.28 12.10
C ASP A 221 12.34 29.99 12.87
N ASP A 222 13.45 29.36 12.46
CA ASP A 222 13.82 27.96 12.69
C ASP A 222 12.74 27.09 13.34
N ASN A 223 11.76 26.67 12.54
CA ASN A 223 10.52 26.08 13.07
C ASN A 223 9.94 25.12 12.03
N LEU A 224 10.80 24.33 11.39
CA LEU A 224 10.40 23.53 10.24
C LEU A 224 9.65 22.28 10.75
N ALA A 225 9.67 22.08 12.07
CA ALA A 225 8.94 20.99 12.71
C ALA A 225 7.43 21.15 12.52
N GLN A 226 7.02 22.41 12.33
CA GLN A 226 5.61 22.80 12.24
C GLN A 226 5.07 22.47 10.84
N LEU A 227 5.92 22.08 9.85
CA LEU A 227 5.42 21.73 8.52
C LEU A 227 4.37 20.62 8.61
N ASP A 228 4.68 19.57 9.37
CA ASP A 228 3.82 18.40 9.50
C ASP A 228 2.81 18.50 10.65
N THR A 229 2.97 19.45 11.58
CA THR A 229 2.03 19.61 12.71
C THR A 229 0.90 20.56 12.34
N HIS A 230 1.19 21.57 11.52
CA HIS A 230 0.18 22.54 11.16
C HIS A 230 0.15 22.58 9.63
N PRO A 231 -0.52 21.58 8.99
CA PRO A 231 -0.46 21.38 7.54
C PRO A 231 -1.01 22.51 6.70
N VAL A 232 -0.34 22.75 5.54
CA VAL A 232 -0.77 23.67 4.48
C VAL A 232 -0.69 22.94 3.15
N GLY A 233 -1.88 22.72 2.58
CA GLY A 233 -2.13 21.93 1.38
C GLY A 233 -2.94 22.73 0.34
N THR A 234 -3.30 22.07 -0.78
CA THR A 234 -4.14 22.61 -1.83
C THR A 234 -5.45 21.82 -1.90
N GLY A 235 -5.55 20.79 -1.05
CA GLY A 235 -6.69 19.88 -1.13
C GLY A 235 -8.03 20.52 -0.76
N PRO A 236 -9.12 19.77 -0.95
CA PRO A 236 -10.48 20.29 -0.74
C PRO A 236 -10.88 20.51 0.72
N TYR A 237 -10.09 19.93 1.65
CA TYR A 237 -10.23 20.20 3.07
C TYR A 237 -8.93 20.77 3.61
N GLN A 238 -9.07 21.53 4.69
CA GLN A 238 -7.94 22.01 5.45
C GLN A 238 -8.16 21.61 6.91
N VAL A 239 -7.07 21.58 7.67
CA VAL A 239 -7.11 21.19 9.07
C VAL A 239 -7.57 22.39 9.88
N LYS A 240 -8.60 22.17 10.72
CA LYS A 240 -8.94 23.16 11.76
C LYS A 240 -8.17 22.89 13.07
N ASP A 241 -8.29 21.70 13.66
CA ASP A 241 -7.49 21.38 14.84
C ASP A 241 -7.45 19.86 15.02
N TYR A 242 -6.74 19.38 16.05
CA TYR A 242 -6.62 17.95 16.25
C TYR A 242 -6.05 17.70 17.64
N VAL A 243 -6.26 16.47 18.12
CA VAL A 243 -5.64 15.92 19.31
C VAL A 243 -5.12 14.56 18.88
N TYR A 244 -3.81 14.39 19.03
CA TYR A 244 -3.12 13.17 18.61
C TYR A 244 -3.80 11.95 19.24
N ASN A 245 -4.02 10.90 18.43
CA ASN A 245 -4.64 9.62 18.80
C ASN A 245 -6.12 9.79 19.15
N GLN A 246 -6.69 10.99 18.95
CA GLN A 246 -8.08 11.23 19.33
C GLN A 246 -8.95 11.62 18.13
N TYR A 247 -8.68 12.78 17.49
CA TYR A 247 -9.51 13.24 16.38
C TYR A 247 -8.72 14.24 15.53
N VAL A 248 -9.11 14.36 14.26
CA VAL A 248 -8.74 15.49 13.43
C VAL A 248 -10.05 16.15 13.01
N ARG A 249 -10.13 17.48 13.12
CA ARG A 249 -11.26 18.21 12.55
C ARG A 249 -10.84 18.88 11.24
N LEU A 250 -11.56 18.59 10.16
CA LEU A 250 -11.33 19.20 8.86
C LEU A 250 -12.49 20.14 8.54
N VAL A 251 -12.18 21.21 7.79
CA VAL A 251 -13.13 22.22 7.37
C VAL A 251 -12.91 22.45 5.88
N ARG A 252 -13.99 22.57 5.13
CA ARG A 252 -13.92 22.77 3.70
C ARG A 252 -12.99 23.94 3.36
N ASN A 253 -12.20 23.74 2.30
CA ASN A 253 -11.38 24.76 1.67
C ASN A 253 -12.24 25.54 0.67
N GLU A 254 -12.58 26.80 1.00
CA GLU A 254 -13.54 27.59 0.22
C GLU A 254 -12.87 28.09 -1.07
N ASN A 255 -11.54 27.98 -1.21
CA ASN A 255 -10.84 28.36 -2.43
C ASN A 255 -10.27 27.16 -3.20
N TYR A 256 -11.01 26.05 -3.29
CA TYR A 256 -10.48 24.84 -3.91
C TYR A 256 -10.55 25.00 -5.43
N TRP A 257 -9.54 24.48 -6.14
CA TRP A 257 -9.41 24.65 -7.59
C TRP A 257 -10.32 23.68 -8.37
N LYS A 258 -10.87 22.63 -7.75
CA LYS A 258 -11.74 21.71 -8.49
C LYS A 258 -13.09 21.67 -7.78
N LYS A 259 -13.90 20.61 -7.98
CA LYS A 259 -15.25 20.57 -7.42
C LYS A 259 -15.17 20.74 -5.91
N GLU A 260 -15.93 21.72 -5.41
CA GLU A 260 -15.98 22.00 -3.98
C GLU A 260 -16.58 20.81 -3.20
N ALA A 261 -16.09 20.61 -1.98
CA ALA A 261 -16.59 19.58 -1.10
C ALA A 261 -18.02 19.93 -0.68
N LYS A 262 -18.89 18.91 -0.53
CA LYS A 262 -20.30 19.09 -0.22
C LYS A 262 -20.54 19.23 1.27
N ILE A 263 -19.78 18.53 2.14
CA ILE A 263 -19.98 18.60 3.58
C ILE A 263 -18.91 19.53 4.12
N GLU A 264 -19.34 20.50 4.94
CA GLU A 264 -18.45 21.57 5.32
C GLU A 264 -17.49 21.09 6.40
N HIS A 265 -18.00 20.29 7.34
CA HIS A 265 -17.25 19.89 8.53
C HIS A 265 -17.15 18.37 8.60
N ILE A 266 -15.92 17.86 8.78
CA ILE A 266 -15.70 16.44 8.99
C ILE A 266 -14.78 16.27 10.18
N ILE A 267 -15.13 15.29 11.02
CA ILE A 267 -14.29 14.88 12.12
C ILE A 267 -13.87 13.45 11.82
N VAL A 268 -12.55 13.22 11.77
CA VAL A 268 -11.96 11.90 11.70
C VAL A 268 -11.71 11.48 13.16
N ASP A 269 -12.45 10.48 13.62
CA ASP A 269 -12.26 9.94 14.96
C ASP A 269 -11.23 8.81 14.87
N LEU A 270 -10.15 8.94 15.64
CA LEU A 270 -9.04 7.99 15.75
C LEU A 270 -9.04 7.29 17.11
N SER A 271 -10.01 7.60 18.00
CA SER A 271 -9.88 7.36 19.44
C SER A 271 -10.19 5.90 19.80
N THR A 272 -10.56 5.01 18.86
CA THR A 272 -11.01 3.71 19.29
C THR A 272 -10.37 2.57 18.46
N ASP A 273 -10.60 1.35 18.94
CA ASP A 273 -10.08 0.12 18.34
C ASP A 273 -11.09 -0.41 17.32
N ARG A 274 -10.78 -1.55 16.73
CA ARG A 274 -11.57 -2.06 15.63
C ARG A 274 -13.03 -2.41 16.04
N SER A 275 -13.19 -3.09 17.17
CA SER A 275 -14.50 -3.47 17.67
C SER A 275 -15.25 -2.20 18.07
N GLY A 276 -14.52 -1.24 18.69
CA GLY A 276 -15.11 0.01 19.14
C GLY A 276 -15.72 0.82 18.00
N ARG A 277 -15.20 0.70 16.77
CA ARG A 277 -15.75 1.50 15.70
C ARG A 277 -17.21 1.16 15.42
N LEU A 278 -17.58 -0.13 15.40
CA LEU A 278 -18.97 -0.56 15.25
C LEU A 278 -19.81 -0.16 16.47
N VAL A 279 -19.26 -0.22 17.68
CA VAL A 279 -20.02 0.20 18.84
C VAL A 279 -20.44 1.66 18.65
N LYS A 280 -19.50 2.52 18.23
CA LYS A 280 -19.81 3.91 17.94
C LYS A 280 -20.76 4.08 16.75
N PHE A 281 -20.51 3.34 15.66
CA PHE A 281 -21.36 3.41 14.48
C PHE A 281 -22.83 3.20 14.85
N PHE A 282 -23.12 2.13 15.60
CA PHE A 282 -24.49 1.74 15.90
C PHE A 282 -25.13 2.58 17.01
N ASN A 283 -24.32 3.40 17.68
CA ASN A 283 -24.80 4.39 18.63
C ASN A 283 -24.81 5.78 17.97
N ASN A 284 -24.69 5.85 16.64
CA ASN A 284 -24.60 7.03 15.79
C ASN A 284 -23.61 8.10 16.27
N GLU A 285 -22.45 7.70 16.81
CA GLU A 285 -21.34 8.63 17.01
C GLU A 285 -20.48 8.74 15.75
N CYS A 286 -20.71 7.90 14.73
CA CYS A 286 -20.15 8.16 13.42
C CYS A 286 -21.08 7.60 12.36
N GLN A 287 -21.01 8.19 11.18
CA GLN A 287 -21.89 7.89 10.07
C GLN A 287 -21.20 7.03 9.00
N ILE A 288 -19.86 6.90 9.11
CA ILE A 288 -19.05 5.95 8.34
C ILE A 288 -18.01 5.33 9.29
N ALA A 289 -17.76 4.02 9.18
CA ALA A 289 -16.77 3.33 9.97
C ALA A 289 -16.03 2.39 9.03
N SER A 290 -14.70 2.55 8.90
CA SER A 290 -13.94 1.70 8.01
C SER A 290 -13.30 0.50 8.74
N TYR A 291 -12.93 -0.49 7.90
CA TYR A 291 -12.39 -1.78 8.33
C TYR A 291 -13.09 -2.29 9.59
N PRO A 292 -14.43 -2.46 9.57
CA PRO A 292 -15.11 -3.03 10.74
C PRO A 292 -14.86 -4.53 10.87
N GLU A 293 -15.03 -5.05 12.06
CA GLU A 293 -14.99 -6.48 12.29
C GLU A 293 -16.37 -7.08 11.93
N VAL A 294 -16.51 -7.73 10.74
CA VAL A 294 -17.84 -7.98 10.18
C VAL A 294 -18.56 -9.04 10.99
N SER A 295 -17.80 -9.95 11.63
CA SER A 295 -18.37 -11.01 12.46
C SER A 295 -19.09 -10.46 13.68
N GLN A 296 -18.99 -9.16 13.99
CA GLN A 296 -19.70 -8.64 15.14
C GLN A 296 -20.94 -7.84 14.72
N ILE A 297 -21.18 -7.61 13.41
CA ILE A 297 -22.28 -6.75 12.99
C ILE A 297 -23.60 -7.25 13.57
N GLY A 298 -23.76 -8.58 13.59
CA GLY A 298 -25.02 -9.21 13.98
C GLY A 298 -25.29 -8.97 15.46
N LEU A 299 -24.23 -9.04 16.27
CA LEU A 299 -24.35 -8.79 17.70
C LEU A 299 -24.63 -7.33 18.00
N LEU A 300 -24.06 -6.41 17.21
CA LEU A 300 -24.00 -5.03 17.62
C LEU A 300 -25.09 -4.20 16.96
N LYS A 301 -25.65 -4.67 15.83
CA LYS A 301 -26.58 -3.83 15.11
C LYS A 301 -27.82 -3.60 16.00
N ASN A 302 -28.49 -2.49 15.76
CA ASN A 302 -29.78 -2.22 16.37
C ASN A 302 -30.76 -2.20 15.22
N ASP A 303 -31.99 -2.62 15.47
CA ASP A 303 -32.82 -3.06 14.37
C ASP A 303 -33.50 -1.86 13.68
N ASP A 304 -33.19 -0.63 14.12
CA ASP A 304 -33.74 0.59 13.54
C ASP A 304 -32.80 1.22 12.49
N LYS A 305 -31.47 1.09 12.68
CA LYS A 305 -30.48 1.78 11.85
C LYS A 305 -30.54 1.27 10.41
N HIS A 306 -30.65 2.20 9.46
CA HIS A 306 -30.47 1.86 8.07
C HIS A 306 -29.00 2.16 7.77
N TYR A 307 -28.28 1.17 7.25
CA TYR A 307 -26.88 1.32 6.93
C TYR A 307 -26.59 0.42 5.74
N TYR A 308 -25.54 0.72 4.99
CA TYR A 308 -25.07 -0.25 4.01
C TYR A 308 -23.57 -0.52 4.19
N MET A 309 -23.19 -1.70 3.69
CA MET A 309 -21.80 -2.13 3.61
C MET A 309 -21.33 -1.84 2.18
N GLN A 310 -20.15 -1.23 2.04
CA GLN A 310 -19.51 -1.07 0.75
C GLN A 310 -18.09 -1.65 0.77
N SER A 311 -17.66 -2.24 -0.35
CA SER A 311 -16.37 -2.91 -0.43
C SER A 311 -15.75 -2.69 -1.81
N THR A 312 -14.42 -2.69 -1.86
CA THR A 312 -13.66 -2.61 -3.09
C THR A 312 -12.52 -3.62 -3.04
N ASP A 313 -12.18 -4.13 -4.21
CA ASP A 313 -11.02 -5.00 -4.41
C ASP A 313 -9.79 -4.20 -3.97
N GLY A 314 -8.87 -4.85 -3.27
CA GLY A 314 -7.69 -4.18 -2.73
C GLY A 314 -6.42 -4.55 -3.51
N MET A 315 -5.43 -3.65 -3.48
CA MET A 315 -4.11 -3.90 -4.04
C MET A 315 -3.21 -4.53 -2.96
N ASN A 316 -3.46 -5.82 -2.69
CA ASN A 316 -2.78 -6.58 -1.66
C ASN A 316 -2.89 -8.07 -1.92
N LEU A 317 -1.98 -8.84 -1.30
CA LEU A 317 -1.93 -10.29 -1.44
C LEU A 317 -1.32 -10.91 -0.18
N ALA A 318 -2.00 -11.91 0.36
CA ALA A 318 -1.46 -12.79 1.39
C ALA A 318 -0.83 -13.99 0.68
N TYR A 319 0.41 -14.38 1.04
CA TYR A 319 1.08 -15.52 0.41
C TYR A 319 1.94 -16.29 1.42
N LEU A 320 2.18 -17.55 1.06
CA LEU A 320 3.22 -18.40 1.66
C LEU A 320 4.45 -18.46 0.75
N ALA A 321 5.62 -18.04 1.30
CA ALA A 321 6.88 -18.11 0.59
C ALA A 321 7.73 -19.31 1.06
N PHE A 322 8.42 -19.90 0.08
CA PHE A 322 9.36 -21.00 0.28
C PHE A 322 10.77 -20.44 0.37
N ASN A 323 11.57 -20.92 1.33
CA ASN A 323 12.96 -20.49 1.49
C ASN A 323 13.89 -21.32 0.59
N PHE A 324 14.42 -20.72 -0.49
CA PHE A 324 15.31 -21.39 -1.43
C PHE A 324 16.75 -21.55 -0.87
N ASP A 325 17.05 -20.97 0.29
CA ASP A 325 18.22 -21.33 1.07
C ASP A 325 18.10 -22.73 1.66
N LYS A 326 16.92 -23.38 1.60
CA LYS A 326 16.74 -24.74 2.06
C LYS A 326 16.74 -25.69 0.87
N PRO A 327 17.67 -26.68 0.82
CA PRO A 327 17.85 -27.52 -0.37
C PRO A 327 16.58 -28.28 -0.77
N LEU A 328 15.83 -28.78 0.23
CA LEU A 328 14.56 -29.47 -0.02
C LEU A 328 13.49 -28.57 -0.64
N MET A 329 13.47 -27.28 -0.26
CA MET A 329 12.47 -26.37 -0.79
C MET A 329 12.80 -26.03 -2.26
N ARG A 330 14.08 -26.18 -2.67
CA ARG A 330 14.48 -25.97 -4.07
C ARG A 330 13.98 -27.08 -4.99
N ASP A 331 13.39 -28.14 -4.42
CA ASP A 331 12.78 -29.20 -5.20
C ASP A 331 11.36 -28.80 -5.63
N HIS A 332 11.20 -28.55 -6.94
CA HIS A 332 9.94 -28.16 -7.55
C HIS A 332 8.81 -29.13 -7.24
N GLU A 333 9.12 -30.43 -7.15
CA GLU A 333 8.08 -31.42 -6.91
C GLU A 333 7.56 -31.30 -5.48
N ILE A 334 8.44 -30.90 -4.56
CA ILE A 334 8.00 -30.67 -3.19
C ILE A 334 7.17 -29.37 -3.11
N ARG A 335 7.59 -28.28 -3.77
CA ARG A 335 6.83 -27.04 -3.78
C ARG A 335 5.44 -27.30 -4.36
N ALA A 336 5.37 -27.91 -5.54
CA ALA A 336 4.10 -28.23 -6.18
C ALA A 336 3.16 -29.02 -5.26
N ALA A 337 3.70 -30.04 -4.58
CA ALA A 337 2.91 -30.92 -3.73
C ALA A 337 2.40 -30.20 -2.48
N ILE A 338 3.26 -29.36 -1.87
CA ILE A 338 2.84 -28.56 -0.71
C ILE A 338 1.66 -27.64 -1.10
N SER A 339 1.76 -26.92 -2.22
CA SER A 339 0.67 -26.08 -2.71
C SER A 339 -0.63 -26.89 -2.83
N GLN A 340 -0.52 -28.13 -3.33
CA GLN A 340 -1.68 -28.98 -3.61
C GLN A 340 -2.32 -29.52 -2.32
N SER A 341 -1.59 -29.56 -1.20
CA SER A 341 -2.14 -30.01 0.07
C SER A 341 -3.21 -29.04 0.67
N LEU A 342 -3.12 -27.75 0.28
CA LEU A 342 -3.80 -26.65 0.97
C LEU A 342 -5.16 -26.39 0.30
N ASN A 343 -6.20 -26.47 1.12
CA ASN A 343 -7.53 -26.10 0.68
C ASN A 343 -7.67 -24.58 0.87
N ARG A 344 -7.17 -23.82 -0.10
CA ARG A 344 -7.10 -22.37 0.04
C ARG A 344 -8.50 -21.78 0.13
N ALA A 345 -9.48 -22.41 -0.53
CA ALA A 345 -10.88 -22.01 -0.51
C ALA A 345 -11.42 -21.99 0.92
N ARG A 346 -11.28 -23.10 1.64
CA ARG A 346 -11.72 -23.21 3.01
C ARG A 346 -10.98 -22.25 3.93
N ILE A 347 -9.67 -22.11 3.74
CA ILE A 347 -8.90 -21.17 4.52
C ILE A 347 -9.49 -19.75 4.36
N ILE A 348 -9.65 -19.28 3.11
CA ILE A 348 -10.20 -17.95 2.80
C ILE A 348 -11.56 -17.76 3.51
N HIS A 349 -12.44 -18.79 3.49
CA HIS A 349 -13.78 -18.65 4.02
C HIS A 349 -13.73 -18.52 5.53
N SER A 350 -12.89 -19.34 6.17
CA SER A 350 -12.80 -19.35 7.63
C SER A 350 -12.13 -18.09 8.16
N ILE A 351 -11.04 -17.64 7.52
CA ILE A 351 -10.28 -16.51 8.05
C ILE A 351 -10.97 -15.18 7.75
N TYR A 352 -11.52 -14.99 6.53
CA TYR A 352 -11.93 -13.65 6.12
C TYR A 352 -13.45 -13.43 6.08
N HIS A 353 -14.27 -14.46 6.33
CA HIS A 353 -15.73 -14.32 6.37
C HIS A 353 -16.34 -13.57 5.17
N ASN A 354 -15.95 -13.92 3.97
CA ASN A 354 -16.51 -13.34 2.76
C ASN A 354 -16.10 -11.87 2.59
N THR A 355 -14.88 -11.47 3.00
CA THR A 355 -14.34 -10.17 2.65
C THR A 355 -13.11 -10.31 1.75
N ALA A 356 -12.84 -11.51 1.24
CA ALA A 356 -11.63 -11.77 0.46
C ALA A 356 -11.97 -12.72 -0.66
N THR A 357 -11.05 -12.83 -1.59
CA THR A 357 -11.14 -13.69 -2.74
C THR A 357 -9.88 -14.54 -2.85
N VAL A 358 -10.02 -15.79 -3.32
CA VAL A 358 -8.88 -16.68 -3.52
C VAL A 358 -8.03 -16.04 -4.61
N ALA A 359 -6.73 -15.91 -4.35
CA ALA A 359 -5.79 -15.42 -5.34
C ALA A 359 -5.16 -16.60 -6.06
N ASN A 360 -5.53 -16.73 -7.33
CA ASN A 360 -4.93 -17.70 -8.25
C ASN A 360 -3.95 -16.98 -9.16
N ASN A 361 -3.63 -15.72 -8.82
CA ASN A 361 -2.71 -14.90 -9.60
C ASN A 361 -1.86 -14.08 -8.65
N ILE A 362 -0.73 -13.58 -9.15
CA ILE A 362 0.14 -12.77 -8.32
C ILE A 362 -0.31 -11.30 -8.38
N ILE A 363 -0.71 -10.88 -9.59
CA ILE A 363 -1.23 -9.54 -9.85
C ILE A 363 -2.66 -9.47 -9.32
N PRO A 364 -2.96 -8.53 -8.39
CA PRO A 364 -4.33 -8.35 -7.90
C PRO A 364 -5.31 -7.94 -9.00
N GLU A 365 -6.56 -8.43 -8.90
CA GLU A 365 -7.63 -8.20 -9.88
C GLU A 365 -7.83 -6.69 -10.13
N VAL A 366 -7.57 -5.84 -9.13
CA VAL A 366 -7.79 -4.42 -9.23
C VAL A 366 -6.73 -3.72 -10.09
N SER A 367 -5.53 -4.32 -10.28
CA SER A 367 -4.55 -3.76 -11.20
C SER A 367 -5.12 -3.62 -12.62
N TRP A 368 -4.67 -2.63 -13.38
CA TRP A 368 -4.96 -2.57 -14.82
C TRP A 368 -4.36 -3.78 -15.55
N ALA A 369 -3.25 -4.33 -15.02
CA ALA A 369 -2.55 -5.47 -15.59
C ALA A 369 -3.30 -6.79 -15.47
N SER A 370 -4.46 -6.78 -14.79
CA SER A 370 -5.16 -8.00 -14.46
C SER A 370 -5.93 -8.55 -15.65
N THR A 371 -5.82 -7.87 -16.81
CA THR A 371 -6.35 -8.38 -18.07
C THR A 371 -5.61 -9.68 -18.47
N VAL A 372 -4.35 -9.82 -18.05
CA VAL A 372 -3.57 -11.02 -18.31
C VAL A 372 -3.82 -12.15 -17.29
N ASN A 373 -4.58 -11.89 -16.21
CA ASN A 373 -4.86 -12.92 -15.22
C ASN A 373 -5.72 -14.01 -15.88
N THR A 374 -5.59 -15.27 -15.43
CA THR A 374 -6.47 -16.35 -15.81
C THR A 374 -7.03 -16.94 -14.52
N PRO A 375 -8.28 -17.45 -14.50
CA PRO A 375 -8.91 -17.84 -13.24
C PRO A 375 -8.41 -19.10 -12.53
N GLU A 376 -7.63 -19.95 -13.23
CA GLU A 376 -7.28 -21.26 -12.71
C GLU A 376 -5.84 -21.24 -12.21
N PHE A 377 -5.52 -22.17 -11.31
CA PHE A 377 -4.19 -22.33 -10.75
C PHE A 377 -3.86 -23.81 -10.83
N GLU A 378 -2.72 -24.13 -11.47
CA GLU A 378 -2.22 -25.49 -11.70
C GLU A 378 -2.06 -26.28 -10.40
N PHE A 379 -1.55 -25.63 -9.35
CA PHE A 379 -1.20 -26.35 -8.14
C PHE A 379 -2.21 -26.05 -7.03
N ASP A 380 -3.50 -26.00 -7.40
CA ASP A 380 -4.54 -25.80 -6.40
C ASP A 380 -4.88 -27.14 -5.74
N TYR A 381 -5.93 -27.15 -4.91
CA TYR A 381 -6.14 -28.20 -3.92
C TYR A 381 -6.29 -29.57 -4.60
N HIS A 382 -5.42 -30.52 -4.26
CA HIS A 382 -5.43 -31.89 -4.79
C HIS A 382 -4.80 -32.80 -3.73
N PRO A 383 -5.53 -33.13 -2.65
CA PRO A 383 -4.91 -33.72 -1.46
C PRO A 383 -4.32 -35.13 -1.64
N LYS A 384 -4.90 -35.91 -2.57
CA LYS A 384 -4.45 -37.27 -2.91
C LYS A 384 -3.08 -37.20 -3.58
N ILE A 385 -2.96 -36.42 -4.64
CA ILE A 385 -1.66 -36.24 -5.28
C ILE A 385 -0.63 -35.66 -4.29
N ALA A 386 -1.03 -34.76 -3.39
CA ALA A 386 -0.10 -34.16 -2.44
C ALA A 386 0.44 -35.23 -1.50
N LYS A 387 -0.45 -36.07 -0.96
CA LYS A 387 -0.07 -37.13 -0.02
C LYS A 387 0.88 -38.17 -0.66
N ASN A 388 0.52 -38.65 -1.86
CA ASN A 388 1.32 -39.61 -2.62
C ASN A 388 2.76 -39.12 -2.78
N LYS A 389 2.92 -37.85 -3.13
CA LYS A 389 4.24 -37.30 -3.32
C LYS A 389 4.99 -37.11 -1.98
N LEU A 390 4.29 -36.68 -0.92
CA LEU A 390 4.99 -36.14 0.24
C LEU A 390 5.07 -37.15 1.38
N ALA A 391 4.06 -38.00 1.61
CA ALA A 391 4.02 -38.70 2.90
C ALA A 391 5.29 -39.52 3.15
N ASP A 392 5.80 -40.19 2.09
CA ASP A 392 7.04 -40.96 2.07
C ASP A 392 8.29 -40.22 2.55
N LYS A 393 8.37 -38.90 2.38
CA LYS A 393 9.61 -38.19 2.63
C LYS A 393 9.76 -37.93 4.13
N ASN A 394 8.69 -38.14 4.90
CA ASN A 394 8.66 -37.84 6.33
C ASN A 394 9.20 -36.43 6.58
N LEU A 395 8.72 -35.41 5.84
CA LEU A 395 9.17 -34.02 6.03
C LEU A 395 8.80 -33.47 7.42
N LEU A 396 9.73 -32.72 8.00
CA LEU A 396 9.45 -31.90 9.17
C LEU A 396 9.85 -30.47 8.84
N LEU A 397 8.84 -29.57 8.74
CA LEU A 397 9.06 -28.23 8.20
C LEU A 397 8.89 -27.15 9.26
N ASN A 398 9.70 -26.11 9.12
CA ASN A 398 9.55 -24.89 9.92
C ASN A 398 8.70 -23.86 9.16
N LEU A 399 7.51 -23.52 9.70
CA LEU A 399 6.66 -22.45 9.15
C LEU A 399 6.73 -21.25 10.08
N TRP A 400 7.38 -20.19 9.62
CA TRP A 400 7.45 -18.94 10.35
C TRP A 400 6.26 -18.05 9.97
N VAL A 401 5.80 -17.28 10.95
CA VAL A 401 4.69 -16.37 10.79
C VAL A 401 5.11 -15.00 11.34
N ILE A 402 5.19 -13.99 10.46
CA ILE A 402 5.46 -12.63 10.93
C ILE A 402 4.29 -12.17 11.80
N ASN A 403 4.63 -11.80 13.04
CA ASN A 403 3.67 -11.34 14.02
C ASN A 403 3.33 -9.87 13.80
N GLU A 404 2.44 -9.58 12.86
CA GLU A 404 1.99 -8.23 12.65
C GLU A 404 0.55 -8.25 12.10
N GLU A 405 -0.08 -7.08 12.13
CA GLU A 405 -1.44 -6.89 11.66
C GLU A 405 -1.38 -6.12 10.35
N GLN A 406 -1.85 -6.75 9.28
CA GLN A 406 -1.90 -6.08 7.99
C GLN A 406 -3.23 -6.46 7.41
N VAL A 407 -3.69 -5.61 6.50
CA VAL A 407 -5.03 -5.84 5.95
C VAL A 407 -5.04 -7.15 5.15
N TYR A 408 -3.91 -7.62 4.58
CA TYR A 408 -3.95 -8.88 3.83
C TYR A 408 -4.20 -10.12 4.70
N ASN A 409 -4.12 -9.99 6.04
CA ASN A 409 -4.34 -11.14 6.93
C ASN A 409 -4.72 -10.66 8.32
N PRO A 410 -6.01 -10.77 8.72
CA PRO A 410 -6.38 -10.39 10.08
C PRO A 410 -6.03 -11.43 11.16
N ALA A 411 -5.69 -12.67 10.81
CA ALA A 411 -5.45 -13.68 11.86
C ALA A 411 -4.39 -14.67 11.38
N PRO A 412 -3.11 -14.26 11.22
CA PRO A 412 -2.09 -15.09 10.54
C PRO A 412 -1.80 -16.39 11.29
N PHE A 413 -1.89 -16.37 12.63
CA PHE A 413 -1.64 -17.59 13.41
C PHE A 413 -2.79 -18.58 13.32
N LYS A 414 -4.02 -18.06 13.21
CA LYS A 414 -5.11 -18.98 12.91
C LYS A 414 -4.93 -19.62 11.53
N MET A 415 -4.54 -18.82 10.52
CA MET A 415 -4.37 -19.35 9.17
C MET A 415 -3.26 -20.40 9.21
N ALA A 416 -2.19 -20.12 10.00
CA ALA A 416 -1.04 -21.03 10.08
C ALA A 416 -1.45 -22.38 10.64
N GLU A 417 -2.37 -22.42 11.61
CA GLU A 417 -2.90 -23.69 12.13
C GLU A 417 -3.65 -24.48 11.07
N MET A 418 -4.38 -23.79 10.19
CA MET A 418 -5.11 -24.49 9.16
C MET A 418 -4.15 -25.02 8.08
N ILE A 419 -3.07 -24.27 7.79
CA ILE A 419 -2.08 -24.73 6.83
C ILE A 419 -1.40 -26.00 7.39
N LYS A 420 -0.98 -25.90 8.67
CA LYS A 420 -0.39 -27.00 9.40
C LYS A 420 -1.26 -28.26 9.33
N TRP A 421 -2.53 -28.09 9.65
CA TRP A 421 -3.47 -29.19 9.53
C TRP A 421 -3.52 -29.80 8.12
N ASP A 422 -3.67 -28.99 7.07
CA ASP A 422 -3.72 -29.52 5.71
C ASP A 422 -2.42 -30.29 5.37
N LEU A 423 -1.29 -29.81 5.85
CA LEU A 423 -0.03 -30.47 5.57
C LEU A 423 0.11 -31.76 6.36
N ALA A 424 -0.44 -31.79 7.59
CA ALA A 424 -0.57 -33.03 8.33
C ALA A 424 -1.31 -34.09 7.50
N GLN A 425 -2.40 -33.73 6.79
CA GLN A 425 -3.12 -34.75 6.03
C GLN A 425 -2.31 -35.31 4.89
N ALA A 426 -1.32 -34.56 4.37
CA ALA A 426 -0.42 -35.08 3.35
C ALA A 426 0.84 -35.72 3.94
N GLY A 427 0.96 -35.83 5.28
CA GLY A 427 2.10 -36.52 5.89
C GLY A 427 3.34 -35.64 6.06
N VAL A 428 3.10 -34.35 6.33
CA VAL A 428 4.15 -33.39 6.62
C VAL A 428 3.86 -32.84 8.01
N LYS A 429 4.87 -32.82 8.88
CA LYS A 429 4.78 -32.19 10.19
C LYS A 429 5.33 -30.77 10.08
N VAL A 430 4.61 -29.80 10.67
CA VAL A 430 4.97 -28.39 10.61
C VAL A 430 5.10 -27.91 12.04
N LYS A 431 6.22 -27.21 12.35
CA LYS A 431 6.32 -26.38 13.54
C LYS A 431 6.07 -24.93 13.18
N VAL A 432 5.11 -24.31 13.87
CA VAL A 432 4.77 -22.93 13.65
C VAL A 432 5.58 -22.06 14.61
N ARG A 433 6.24 -21.03 14.08
CA ARG A 433 6.94 -20.10 14.95
C ARG A 433 6.57 -18.65 14.61
N ALA A 434 6.23 -17.88 15.67
CA ALA A 434 6.11 -16.44 15.65
C ALA A 434 7.48 -15.76 15.62
N VAL A 435 7.63 -14.81 14.66
CA VAL A 435 8.87 -14.05 14.49
C VAL A 435 8.52 -12.59 14.18
N THR A 436 9.43 -11.68 14.59
CA THR A 436 9.36 -10.26 14.29
C THR A 436 10.26 -10.00 13.09
N ARG A 437 10.09 -8.83 12.43
CA ARG A 437 10.93 -8.48 11.30
C ARG A 437 12.37 -8.25 11.70
N PRO A 438 12.68 -7.63 12.88
CA PRO A 438 14.06 -7.57 13.37
C PRO A 438 14.69 -8.96 13.46
N PHE A 439 13.94 -9.97 13.90
CA PHE A 439 14.45 -11.33 14.05
C PHE A 439 14.84 -11.92 12.69
N LEU A 440 14.12 -11.52 11.63
CA LEU A 440 14.48 -11.96 10.27
C LEU A 440 15.81 -11.36 9.81
N THR A 441 16.27 -10.23 10.39
CA THR A 441 17.60 -9.71 10.06
C THR A 441 18.71 -10.58 10.66
N ALA A 442 18.43 -11.38 11.71
CA ALA A 442 19.47 -12.18 12.36
C ALA A 442 19.83 -13.39 11.52
N GLN A 443 21.07 -13.93 11.68
CA GLN A 443 21.48 -15.16 11.02
C GLN A 443 21.51 -16.29 12.04
N LEU A 444 21.21 -17.52 11.59
CA LEU A 444 21.08 -18.66 12.47
C LEU A 444 22.31 -19.56 12.33
N ARG A 445 22.87 -20.03 13.45
CA ARG A 445 23.89 -21.06 13.41
C ARG A 445 23.30 -22.31 12.75
N ASN A 446 22.36 -22.97 13.42
CA ASN A 446 21.77 -24.19 12.89
C ASN A 446 20.74 -23.84 11.81
N GLN A 447 21.04 -24.21 10.56
CA GLN A 447 20.16 -23.99 9.41
C GLN A 447 18.92 -24.89 9.45
N SER A 448 18.85 -25.84 10.39
CA SER A 448 17.62 -26.60 10.59
C SER A 448 16.65 -25.85 11.51
N GLU A 449 17.10 -24.76 12.13
CA GLU A 449 16.22 -23.88 12.87
C GLU A 449 15.58 -22.85 11.91
N ASN A 450 16.16 -22.63 10.73
CA ASN A 450 15.75 -21.64 9.76
C ASN A 450 14.47 -22.08 9.03
N TYR A 451 13.70 -21.09 8.54
CA TYR A 451 12.37 -21.33 7.98
C TYR A 451 12.45 -22.07 6.66
N ASP A 452 11.46 -22.95 6.48
CA ASP A 452 11.22 -23.57 5.19
C ASP A 452 10.11 -22.83 4.46
N LEU A 453 9.09 -22.43 5.23
CA LEU A 453 7.94 -21.67 4.76
C LEU A 453 7.75 -20.46 5.68
N ILE A 454 7.34 -19.33 5.07
CA ILE A 454 6.97 -18.17 5.86
C ILE A 454 5.67 -17.56 5.30
N LEU A 455 4.74 -17.21 6.23
CA LEU A 455 3.45 -16.61 5.93
C LEU A 455 3.55 -15.08 6.03
N SER A 456 3.29 -14.42 4.93
CA SER A 456 3.34 -12.96 4.90
C SER A 456 2.37 -12.46 3.82
N GLY A 457 2.67 -11.30 3.26
CA GLY A 457 1.83 -10.71 2.24
C GLY A 457 2.50 -9.45 1.72
N TRP A 458 1.87 -8.82 0.73
CA TRP A 458 2.37 -7.58 0.17
C TRP A 458 1.20 -6.64 -0.13
N LEU A 459 1.49 -5.34 -0.14
CA LEU A 459 0.53 -4.32 -0.53
C LEU A 459 1.27 -3.18 -1.22
N ALA A 460 0.53 -2.37 -1.99
CA ALA A 460 1.10 -1.17 -2.57
C ALA A 460 0.07 -0.03 -2.61
N GLY A 461 0.58 1.18 -2.84
CA GLY A 461 -0.22 2.39 -2.96
C GLY A 461 -0.51 2.84 -4.41
N ASN A 462 -0.27 1.95 -5.40
CA ASN A 462 -0.67 2.21 -6.78
C ASN A 462 -0.92 0.86 -7.46
N LEU A 463 -1.36 0.90 -8.73
CA LEU A 463 -1.83 -0.28 -9.44
C LEU A 463 -0.74 -0.97 -10.28
N ASP A 464 0.47 -0.44 -10.27
CA ASP A 464 1.52 -0.85 -11.20
C ASP A 464 2.15 -2.18 -10.75
N PRO A 465 2.19 -3.24 -11.59
CA PRO A 465 2.84 -4.50 -11.18
C PRO A 465 4.31 -4.37 -10.82
N ASP A 466 4.98 -3.34 -11.33
CA ASP A 466 6.40 -3.23 -11.08
C ASP A 466 6.64 -3.21 -9.57
N GLY A 467 6.02 -2.26 -8.85
CA GLY A 467 6.22 -2.10 -7.41
C GLY A 467 5.49 -3.14 -6.55
N PHE A 468 4.72 -4.03 -7.17
CA PHE A 468 4.10 -5.17 -6.49
C PHE A 468 4.98 -6.43 -6.57
N MET A 469 5.42 -6.81 -7.76
CA MET A 469 6.16 -8.07 -7.85
C MET A 469 7.67 -7.90 -7.69
N ARG A 470 8.25 -6.76 -8.09
CA ARG A 470 9.71 -6.64 -8.07
C ARG A 470 10.21 -6.79 -6.63
N PRO A 471 9.69 -6.07 -5.61
CA PRO A 471 10.25 -6.18 -4.27
C PRO A 471 10.27 -7.57 -3.63
N ILE A 472 9.28 -8.39 -4.01
CA ILE A 472 9.10 -9.67 -3.37
C ILE A 472 9.85 -10.77 -4.12
N LEU A 473 10.14 -10.61 -5.43
CA LEU A 473 10.66 -11.73 -6.23
C LEU A 473 11.91 -11.43 -7.08
N SER A 474 12.51 -10.24 -7.02
CA SER A 474 13.59 -9.90 -7.93
C SER A 474 14.95 -10.27 -7.32
N CYS A 475 15.95 -10.47 -8.19
CA CYS A 475 17.32 -10.75 -7.76
C CYS A 475 17.91 -9.59 -6.97
N GLY A 476 17.52 -8.35 -7.30
CA GLY A 476 18.01 -7.15 -6.61
C GLY A 476 17.61 -7.06 -5.13
N THR A 477 16.51 -7.75 -4.77
CA THR A 477 15.95 -7.70 -3.42
C THR A 477 16.16 -9.03 -2.68
N LYS A 478 16.89 -9.97 -3.32
CA LYS A 478 17.06 -11.33 -2.81
C LYS A 478 17.65 -11.31 -1.39
N ASN A 479 18.51 -10.33 -1.10
CA ASN A 479 19.10 -10.16 0.23
C ASN A 479 18.41 -9.04 1.03
N GLU A 480 17.21 -8.59 0.64
CA GLU A 480 16.47 -7.63 1.44
C GLU A 480 15.26 -8.33 2.03
N LEU A 481 14.59 -7.68 2.98
CA LEU A 481 13.51 -8.35 3.71
C LEU A 481 12.26 -8.59 2.86
N THR A 482 12.16 -7.98 1.67
CA THR A 482 10.94 -8.06 0.88
C THR A 482 10.85 -9.39 0.10
N ASN A 483 12.01 -10.00 -0.19
CA ASN A 483 12.14 -11.26 -0.93
C ASN A 483 12.40 -12.37 0.10
N LEU A 484 11.31 -12.90 0.66
CA LEU A 484 11.34 -13.85 1.76
C LEU A 484 11.69 -15.26 1.26
N SER A 485 11.48 -15.43 -0.03
CA SER A 485 11.81 -16.62 -0.79
C SER A 485 13.32 -16.76 -0.98
N ASN A 486 14.09 -15.68 -0.81
CA ASN A 486 15.50 -15.64 -1.23
C ASN A 486 15.63 -16.22 -2.65
N TRP A 487 14.76 -15.78 -3.55
CA TRP A 487 14.68 -16.33 -4.89
C TRP A 487 15.37 -15.39 -5.88
N CYS A 488 16.00 -15.97 -6.91
CA CYS A 488 16.64 -15.19 -7.96
C CYS A 488 16.45 -15.98 -9.25
N ASN A 489 15.57 -15.47 -10.11
CA ASN A 489 15.40 -15.99 -11.46
C ASN A 489 15.63 -14.85 -12.44
N GLU A 490 16.54 -15.09 -13.39
CA GLU A 490 17.08 -14.05 -14.25
C GLU A 490 16.12 -13.79 -15.40
N GLU A 491 15.43 -14.84 -15.82
CA GLU A 491 14.42 -14.73 -16.84
C GLU A 491 13.24 -13.87 -16.32
N PHE A 492 12.89 -14.02 -15.04
CA PHE A 492 11.81 -13.23 -14.45
C PHE A 492 12.26 -11.76 -14.38
N ASP A 493 13.47 -11.47 -13.89
CA ASP A 493 13.99 -10.12 -13.87
C ASP A 493 14.07 -9.47 -15.25
N GLN A 494 14.18 -10.29 -16.31
CA GLN A 494 14.28 -9.77 -17.67
C GLN A 494 12.90 -9.36 -18.17
N PHE A 495 11.87 -10.15 -17.85
CA PHE A 495 10.51 -9.76 -18.17
C PHE A 495 10.14 -8.45 -17.44
N MET A 496 10.60 -8.29 -16.20
CA MET A 496 10.23 -7.17 -15.36
C MET A 496 10.94 -5.89 -15.84
N ASP A 497 12.24 -6.01 -16.12
CA ASP A 497 13.04 -4.95 -16.68
C ASP A 497 12.49 -4.51 -18.05
N ARG A 498 11.94 -5.47 -18.80
CA ARG A 498 11.39 -5.19 -20.11
C ARG A 498 10.14 -4.33 -19.96
N ALA A 499 9.29 -4.68 -18.98
CA ALA A 499 8.00 -4.04 -18.77
C ALA A 499 8.16 -2.56 -18.42
N ILE A 500 9.27 -2.14 -17.80
CA ILE A 500 9.47 -0.71 -17.51
C ILE A 500 10.23 0.05 -18.61
N THR A 501 10.69 -0.62 -19.70
CA THR A 501 11.42 0.08 -20.76
C THR A 501 10.46 0.79 -21.71
N THR A 502 9.19 0.39 -21.71
CA THR A 502 8.22 0.90 -22.65
C THR A 502 7.05 1.50 -21.88
N SER A 503 6.37 2.51 -22.48
CA SER A 503 5.10 3.05 -22.00
C SER A 503 3.90 2.40 -22.71
N HIS A 504 4.12 1.56 -23.72
CA HIS A 504 3.01 1.03 -24.49
C HIS A 504 2.28 0.01 -23.62
N LEU A 505 0.98 0.25 -23.40
CA LEU A 505 0.17 -0.56 -22.50
C LEU A 505 0.25 -2.05 -22.83
N SER A 506 -0.13 -2.44 -24.06
CA SER A 506 -0.20 -3.85 -24.45
C SER A 506 1.18 -4.51 -24.37
N SER A 507 2.26 -3.74 -24.55
CA SER A 507 3.61 -4.25 -24.36
C SER A 507 3.93 -4.50 -22.88
N ARG A 508 3.57 -3.60 -21.95
CA ARG A 508 3.81 -3.82 -20.52
C ARG A 508 3.07 -5.08 -20.06
N ALA A 509 1.80 -5.17 -20.45
CA ALA A 509 0.94 -6.31 -20.19
C ALA A 509 1.57 -7.63 -20.64
N LYS A 510 2.14 -7.66 -21.86
CA LYS A 510 2.73 -8.88 -22.39
C LYS A 510 3.90 -9.34 -21.50
N ALA A 511 4.76 -8.40 -21.10
CA ALA A 511 5.89 -8.70 -20.21
C ALA A 511 5.44 -9.20 -18.81
N TYR A 512 4.37 -8.62 -18.24
CA TYR A 512 3.87 -9.01 -16.91
C TYR A 512 3.12 -10.33 -17.01
N ASN A 513 2.60 -10.64 -18.20
CA ASN A 513 2.00 -11.96 -18.41
C ASN A 513 3.07 -13.05 -18.36
N GLU A 514 4.22 -12.80 -18.99
CA GLU A 514 5.31 -13.78 -19.01
C GLU A 514 5.85 -13.94 -17.59
N ALA A 515 6.04 -12.79 -16.90
CA ALA A 515 6.62 -12.79 -15.58
C ALA A 515 5.72 -13.57 -14.62
N GLN A 516 4.40 -13.38 -14.75
CA GLN A 516 3.47 -14.02 -13.85
C GLN A 516 3.36 -15.53 -14.12
N GLU A 517 3.22 -15.94 -15.39
CA GLU A 517 3.17 -17.37 -15.76
C GLU A 517 4.40 -18.10 -15.21
N LEU A 518 5.56 -17.47 -15.32
CA LEU A 518 6.79 -18.02 -14.79
C LEU A 518 6.70 -18.20 -13.27
N VAL A 519 6.19 -17.18 -12.53
CA VAL A 519 6.11 -17.28 -11.08
C VAL A 519 5.11 -18.37 -10.70
N LEU A 520 3.98 -18.46 -11.40
CA LEU A 520 2.98 -19.48 -11.10
C LEU A 520 3.42 -20.90 -11.46
N ARG A 521 4.38 -21.03 -12.39
CA ARG A 521 4.93 -22.32 -12.75
C ARG A 521 6.01 -22.76 -11.74
N GLU A 522 6.97 -21.88 -11.42
CA GLU A 522 8.07 -22.16 -10.50
C GLU A 522 7.69 -22.16 -9.02
N LEU A 523 6.61 -21.46 -8.63
CA LEU A 523 6.12 -21.43 -7.25
C LEU A 523 7.20 -21.04 -6.26
N PRO A 524 7.90 -19.89 -6.40
CA PRO A 524 8.65 -19.36 -5.27
C PRO A 524 7.78 -18.92 -4.06
N ILE A 525 6.49 -18.62 -4.34
CA ILE A 525 5.48 -18.30 -3.35
C ILE A 525 4.16 -18.93 -3.79
N ILE A 526 3.25 -19.18 -2.83
CA ILE A 526 1.90 -19.67 -3.14
C ILE A 526 0.95 -18.52 -2.85
N PRO A 527 0.20 -17.99 -3.85
CA PRO A 527 -0.77 -16.93 -3.59
C PRO A 527 -1.95 -17.51 -2.81
N ILE A 528 -2.45 -16.76 -1.83
CA ILE A 528 -3.56 -17.23 -1.01
C ILE A 528 -4.79 -16.33 -1.22
N ALA A 529 -4.68 -15.03 -0.93
CA ALA A 529 -5.86 -14.16 -0.87
C ALA A 529 -5.56 -12.73 -1.30
N ASN A 530 -6.55 -12.13 -1.95
CA ASN A 530 -6.66 -10.68 -2.14
C ASN A 530 -7.86 -10.18 -1.31
N VAL A 531 -7.61 -9.20 -0.47
CA VAL A 531 -8.54 -8.85 0.58
C VAL A 531 -9.23 -7.54 0.21
N LYS A 532 -10.54 -7.52 0.35
CA LYS A 532 -11.31 -6.35 -0.01
C LYS A 532 -11.17 -5.28 1.06
N ARG A 533 -11.24 -4.00 0.67
CA ARG A 533 -11.43 -2.91 1.61
C ARG A 533 -12.92 -2.64 1.85
N ILE A 534 -13.28 -2.48 3.14
CA ILE A 534 -14.66 -2.52 3.59
C ILE A 534 -14.93 -1.37 4.55
N LEU A 535 -16.14 -0.77 4.40
CA LEU A 535 -16.70 0.18 5.34
C LEU A 535 -18.21 -0.05 5.47
N VAL A 536 -18.79 0.55 6.52
CA VAL A 536 -20.24 0.70 6.65
C VAL A 536 -20.57 2.18 6.77
N ALA A 537 -21.69 2.57 6.16
CA ALA A 537 -22.15 3.94 6.17
C ALA A 537 -23.65 4.01 6.44
N ASN A 538 -24.09 5.09 7.07
CA ASN A 538 -25.52 5.40 7.20
C ASN A 538 -26.16 5.50 5.82
N SER A 539 -27.42 5.02 5.70
CA SER A 539 -28.15 5.01 4.43
C SER A 539 -28.37 6.40 3.88
N ARG A 540 -28.34 7.39 4.78
CA ARG A 540 -28.45 8.80 4.49
C ARG A 540 -27.20 9.39 3.83
N VAL A 541 -26.06 8.65 3.87
CA VAL A 541 -24.80 9.13 3.31
C VAL A 541 -24.60 8.53 1.92
N LYS A 542 -24.29 9.38 0.95
CA LYS A 542 -24.00 8.94 -0.41
C LYS A 542 -22.69 9.59 -0.83
N GLY A 543 -22.26 9.22 -2.06
CA GLY A 543 -21.01 9.66 -2.65
C GLY A 543 -19.76 9.00 -2.04
N VAL A 544 -19.97 7.84 -1.42
CA VAL A 544 -18.94 7.00 -0.80
C VAL A 544 -18.22 6.24 -1.88
N LYS A 545 -16.91 6.48 -2.07
CA LYS A 545 -16.10 5.71 -3.01
C LYS A 545 -14.75 5.31 -2.35
N MET A 546 -14.73 4.08 -1.83
CA MET A 546 -13.55 3.46 -1.21
C MET A 546 -12.52 3.12 -2.30
N THR A 547 -11.26 3.58 -2.15
CA THR A 547 -10.21 3.24 -3.08
C THR A 547 -9.64 1.86 -2.77
N PRO A 548 -8.88 1.24 -3.70
CA PRO A 548 -8.24 -0.04 -3.44
C PRO A 548 -7.15 -0.01 -2.37
N PHE A 549 -6.72 1.19 -1.95
CA PHE A 549 -5.68 1.37 -0.94
C PHE A 549 -6.27 1.72 0.43
N GLY A 550 -7.60 1.66 0.60
CA GLY A 550 -8.21 1.84 1.92
C GLY A 550 -8.52 3.31 2.27
N SER A 551 -8.63 4.19 1.27
CA SER A 551 -8.95 5.57 1.53
C SER A 551 -10.29 5.89 0.88
N LEU A 552 -10.78 7.12 1.08
CA LEU A 552 -11.95 7.56 0.34
C LEU A 552 -11.87 9.07 0.19
N ASP A 553 -12.56 9.54 -0.83
CA ASP A 553 -12.61 10.96 -1.16
C ASP A 553 -13.72 11.61 -0.34
N PHE A 554 -13.33 12.35 0.70
CA PHE A 554 -14.32 12.98 1.56
C PHE A 554 -15.13 14.04 0.82
N SER A 555 -14.52 14.64 -0.22
CA SER A 555 -15.13 15.77 -0.90
C SER A 555 -16.36 15.38 -1.74
N THR A 556 -16.62 14.08 -2.04
CA THR A 556 -17.79 13.69 -2.80
C THR A 556 -18.92 13.15 -1.91
N LEU A 557 -18.69 13.03 -0.59
CA LEU A 557 -19.72 12.61 0.34
C LEU A 557 -20.82 13.68 0.44
N TYR A 558 -22.07 13.24 0.61
CA TYR A 558 -23.17 14.16 0.89
C TYR A 558 -24.30 13.40 1.57
N PHE A 559 -25.10 14.15 2.36
CA PHE A 559 -26.35 13.66 2.93
C PHE A 559 -27.52 13.86 1.95
N ILE A 560 -28.43 12.88 1.84
CA ILE A 560 -29.58 12.98 0.94
C ILE A 560 -30.63 13.94 1.54
#